data_4D0C
#
_entry.id   4D0C
#
_cell.length_a   60.410
_cell.length_b   68.790
_cell.length_c   94.610
_cell.angle_alpha   90.00
_cell.angle_beta   90.00
_cell.angle_gamma   90.00
#
_symmetry.space_group_name_H-M   'P 21 21 21'
#
loop_
_entity.id
_entity.type
_entity.pdbx_description
1 polymer 'MHC CLASS I ALPHA CHAIN 2'
2 polymer BETA-2-MICROGLOBULIN
3 polymer '10MER PEPTIDE'
4 non-polymer 1,2-ETHANEDIOL
5 water water
#
loop_
_entity_poly.entity_id
_entity_poly.type
_entity_poly.pdbx_seq_one_letter_code
_entity_poly.pdbx_strand_id
1 'polypeptide(L)'
;MGSCGALGLGLLLAAVCGAAAELHTLRYIRTAMTDPGPGLPWFVDVGYVDGELFMHYNSTARRAVPRTEWIAANTDQQYW
DRETQIVQGSEQINRENLDILRRRYNQTGGSHTVQWMSGCDILEDGTIRGYHQAAYDGRDFVAFDKGTMTLTAAVPEAVP
TKRKWEEGGYAEGLKQYLEETCVEWLRRYVEYGKAELGRRERPEVRVWGKEADGILTLSCRAHGFYPRPIVVSWLKDGAV
RGQDAQSGGIVPNGDGTYHTWVTIDAQPGDGDKYQCRVEHASLPQPGLYSWRSGGGLNDIFEAQKIEWHENSSSVDKLAA
ALEHHHHHH
;
A
2 'polypeptide(L)'
;DLTPKVQVYSRFPASAGTKNVLNCFAAGFHPPKISITLMKDGVPMEGAQYSDMSFNDDWTFQRLVHADFTPSSGSTYACK
VEHETLKEPQVYKWDPEF
;
B
3 'polypeptide(L)' TAGQSNYDRL C
#
loop_
_chem_comp.id
_chem_comp.type
_chem_comp.name
_chem_comp.formula
EDO non-polymer 1,2-ETHANEDIOL 'C2 H6 O2'
#
# COMPACT_ATOMS: atom_id res chain seq x y z
N GLU A 22 -4.57 -18.98 -9.36
CA GLU A 22 -4.82 -18.47 -10.70
C GLU A 22 -5.46 -17.06 -10.72
N LEU A 23 -5.72 -16.48 -9.54
CA LEU A 23 -6.30 -15.13 -9.42
C LEU A 23 -5.21 -14.07 -9.67
N HIS A 24 -5.26 -13.44 -10.85
CA HIS A 24 -4.30 -12.41 -11.25
C HIS A 24 -4.99 -11.06 -11.41
N THR A 25 -4.43 -10.02 -10.76
CA THR A 25 -5.01 -8.66 -10.77
C THR A 25 -4.10 -7.59 -11.40
N LEU A 26 -4.73 -6.53 -11.92
CA LEU A 26 -4.10 -5.35 -12.52
C LEU A 26 -4.82 -4.11 -12.00
N ARG A 27 -4.07 -3.14 -11.46
CA ARG A 27 -4.66 -1.90 -10.93
C ARG A 27 -3.78 -0.68 -11.18
N TYR A 28 -4.39 0.38 -11.72
CA TYR A 28 -3.76 1.67 -12.01
C TYR A 28 -4.42 2.72 -11.12
N ILE A 29 -3.70 3.15 -10.07
CA ILE A 29 -4.22 4.13 -9.11
C ILE A 29 -3.65 5.53 -9.38
N ARG A 30 -4.54 6.53 -9.46
CA ARG A 30 -4.23 7.93 -9.72
C ARG A 30 -4.68 8.83 -8.59
N THR A 31 -3.88 9.87 -8.28
CA THR A 31 -4.17 10.84 -7.22
C THR A 31 -3.80 12.26 -7.66
N ALA A 32 -4.79 13.16 -7.71
CA ALA A 32 -4.63 14.58 -8.04
C ALA A 32 -4.81 15.35 -6.73
N MET A 33 -3.81 16.15 -6.34
CA MET A 33 -3.84 16.89 -5.06
C MET A 33 -3.75 18.40 -5.17
N THR A 34 -4.33 19.11 -4.18
CA THR A 34 -4.32 20.56 -4.05
C THR A 34 -3.19 20.95 -3.08
N ASP A 35 -3.02 20.17 -1.98
CA ASP A 35 -2.00 20.36 -0.96
C ASP A 35 -1.18 19.06 -0.82
N PRO A 36 -0.09 18.90 -1.61
CA PRO A 36 0.70 17.64 -1.56
C PRO A 36 1.39 17.25 -0.22
N GLY A 37 2.07 18.13 0.54
CA GLY A 37 2.26 19.58 0.36
C GLY A 37 3.68 20.02 0.10
N PRO A 38 4.57 20.05 1.14
CA PRO A 38 5.94 20.54 0.91
C PRO A 38 6.85 19.57 0.17
N GLY A 39 7.34 20.00 -1.00
CA GLY A 39 8.25 19.23 -1.85
C GLY A 39 7.61 18.13 -2.68
N LEU A 40 6.60 17.46 -2.11
CA LEU A 40 5.86 16.34 -2.70
C LEU A 40 5.13 16.70 -4.02
N PRO A 41 4.99 15.73 -4.97
CA PRO A 41 4.28 16.05 -6.23
C PRO A 41 2.75 16.02 -6.05
N TRP A 42 2.03 16.87 -6.81
CA TRP A 42 0.57 16.96 -6.73
C TRP A 42 -0.14 15.79 -7.45
N PHE A 43 0.46 15.29 -8.56
CA PHE A 43 -0.10 14.16 -9.32
C PHE A 43 0.81 12.94 -9.22
N VAL A 44 0.21 11.75 -9.03
CA VAL A 44 0.93 10.49 -8.90
C VAL A 44 0.11 9.32 -9.49
N ASP A 45 0.72 8.56 -10.43
CA ASP A 45 0.12 7.40 -11.09
C ASP A 45 0.98 6.18 -10.78
N VAL A 46 0.39 5.17 -10.09
CA VAL A 46 1.08 3.95 -9.69
C VAL A 46 0.33 2.72 -10.24
N GLY A 47 1.08 1.81 -10.87
CA GLY A 47 0.56 0.57 -11.44
C GLY A 47 0.90 -0.65 -10.61
N TYR A 48 0.03 -1.67 -10.65
CA TYR A 48 0.21 -2.91 -9.89
C TYR A 48 -0.15 -4.18 -10.67
N VAL A 49 0.63 -5.25 -10.45
CA VAL A 49 0.43 -6.59 -11.02
C VAL A 49 0.49 -7.53 -9.80
N ASP A 50 -0.68 -8.09 -9.42
CA ASP A 50 -0.89 -8.97 -8.26
C ASP A 50 -0.51 -8.28 -6.93
N GLY A 51 -0.75 -6.97 -6.86
CA GLY A 51 -0.47 -6.13 -5.71
C GLY A 51 0.95 -5.61 -5.62
N GLU A 52 1.79 -5.88 -6.64
CA GLU A 52 3.19 -5.46 -6.68
C GLU A 52 3.46 -4.32 -7.65
N LEU A 53 4.14 -3.27 -7.16
CA LEU A 53 4.51 -2.06 -7.91
C LEU A 53 5.46 -2.35 -9.08
N PHE A 54 5.10 -1.84 -10.28
CA PHE A 54 5.87 -2.00 -11.51
C PHE A 54 5.90 -0.71 -12.35
N MET A 55 4.85 0.13 -12.22
CA MET A 55 4.67 1.39 -12.94
C MET A 55 4.68 2.57 -11.95
N HIS A 56 5.52 3.59 -12.23
CA HIS A 56 5.65 4.78 -11.39
C HIS A 56 5.64 6.07 -12.21
N TYR A 57 4.90 7.09 -11.72
CA TYR A 57 4.77 8.41 -12.35
C TYR A 57 4.50 9.48 -11.29
N ASN A 58 5.08 10.67 -11.48
CA ASN A 58 4.91 11.84 -10.61
C ASN A 58 4.88 13.13 -11.43
N SER A 59 4.16 14.17 -10.94
CA SER A 59 4.02 15.47 -11.61
C SER A 59 5.32 16.29 -11.70
N THR A 60 6.34 15.95 -10.89
CA THR A 60 7.63 16.65 -10.88
C THR A 60 8.52 16.15 -12.04
N ALA A 61 8.67 14.82 -12.17
CA ALA A 61 9.48 14.17 -13.21
C ALA A 61 8.77 14.10 -14.57
N ARG A 62 7.43 13.86 -14.55
CA ARG A 62 6.54 13.74 -15.71
C ARG A 62 6.94 12.61 -16.67
N ARG A 63 7.37 11.45 -16.12
CA ARG A 63 7.79 10.27 -16.89
C ARG A 63 7.35 8.96 -16.25
N ALA A 64 6.78 8.04 -17.07
CA ALA A 64 6.35 6.71 -16.65
C ALA A 64 7.56 5.77 -16.75
N VAL A 65 8.13 5.40 -15.59
CA VAL A 65 9.33 4.56 -15.51
C VAL A 65 9.08 3.19 -14.85
N PRO A 66 9.79 2.12 -15.29
CA PRO A 66 9.59 0.80 -14.65
C PRO A 66 10.24 0.69 -13.27
N ARG A 67 9.71 -0.19 -12.41
CA ARG A 67 10.24 -0.41 -11.06
C ARG A 67 10.82 -1.82 -10.87
N THR A 68 10.21 -2.84 -11.52
CA THR A 68 10.68 -4.23 -11.45
C THR A 68 11.56 -4.58 -12.66
N GLU A 69 12.48 -5.54 -12.48
CA GLU A 69 13.42 -5.99 -13.52
C GLU A 69 12.75 -6.79 -14.64
N TRP A 70 11.66 -7.52 -14.34
CA TRP A 70 10.94 -8.33 -15.33
C TRP A 70 10.16 -7.51 -16.36
N ILE A 71 9.62 -6.35 -15.95
CA ILE A 71 8.86 -5.49 -16.86
C ILE A 71 9.78 -4.74 -17.84
N ALA A 72 10.93 -4.21 -17.36
CA ALA A 72 11.89 -3.48 -18.18
C ALA A 72 12.59 -4.35 -19.22
N ALA A 73 12.85 -5.63 -18.87
CA ALA A 73 13.51 -6.60 -19.75
C ALA A 73 12.57 -7.13 -20.85
N ASN A 74 11.25 -6.95 -20.68
CA ASN A 74 10.25 -7.42 -21.64
C ASN A 74 9.52 -6.29 -22.39
N THR A 75 9.88 -5.01 -22.12
CA THR A 75 9.29 -3.84 -22.79
C THR A 75 10.36 -2.90 -23.34
N ASP A 76 10.06 -2.27 -24.50
CA ASP A 76 10.95 -1.29 -25.14
C ASP A 76 10.62 0.14 -24.67
N GLN A 77 11.47 1.12 -25.03
CA GLN A 77 11.27 2.53 -24.67
C GLN A 77 10.05 3.13 -25.36
N GLN A 78 9.66 2.58 -26.54
CA GLN A 78 8.50 2.98 -27.33
C GLN A 78 7.20 2.78 -26.53
N TYR A 79 7.15 1.71 -25.70
CA TYR A 79 6.03 1.39 -24.83
C TYR A 79 5.94 2.43 -23.70
N TRP A 80 7.09 2.74 -23.05
CA TRP A 80 7.17 3.70 -21.96
C TRP A 80 6.96 5.14 -22.41
N ASP A 81 7.32 5.47 -23.68
CA ASP A 81 7.10 6.80 -24.25
C ASP A 81 5.61 7.00 -24.52
N ARG A 82 4.92 5.93 -24.97
CA ARG A 82 3.48 5.93 -25.24
C ARG A 82 2.71 5.95 -23.91
N GLU A 83 3.26 5.30 -22.87
CA GLU A 83 2.67 5.25 -21.53
C GLU A 83 2.80 6.60 -20.82
N THR A 84 3.89 7.34 -21.09
CA THR A 84 4.17 8.65 -20.50
C THR A 84 3.16 9.71 -20.98
N GLN A 85 3.02 9.88 -22.31
CA GLN A 85 2.12 10.87 -22.95
C GLN A 85 0.64 10.72 -22.57
N ILE A 86 0.14 9.48 -22.40
CA ILE A 86 -1.26 9.24 -22.02
C ILE A 86 -1.49 9.58 -20.54
N VAL A 87 -0.46 9.39 -19.69
CA VAL A 87 -0.53 9.73 -18.27
C VAL A 87 -0.29 11.24 -18.09
N GLN A 88 0.47 11.87 -19.04
CA GLN A 88 0.71 13.32 -19.09
C GLN A 88 -0.60 14.02 -19.42
N GLY A 89 -1.41 13.39 -20.28
CA GLY A 89 -2.73 13.85 -20.68
C GLY A 89 -3.72 13.65 -19.55
N SER A 90 -3.53 12.56 -18.77
CA SER A 90 -4.35 12.20 -17.60
C SER A 90 -4.06 13.19 -16.47
N GLU A 91 -2.81 13.70 -16.39
CA GLU A 91 -2.34 14.68 -15.41
C GLU A 91 -3.06 16.01 -15.64
N GLN A 92 -3.11 16.46 -16.93
CA GLN A 92 -3.77 17.71 -17.35
C GLN A 92 -5.30 17.61 -17.20
N ILE A 93 -5.87 16.41 -17.46
CA ILE A 93 -7.31 16.16 -17.34
C ILE A 93 -7.72 16.18 -15.84
N ASN A 94 -6.86 15.65 -14.95
CA ASN A 94 -7.12 15.64 -13.52
C ASN A 94 -6.80 17.00 -12.87
N ARG A 95 -6.01 17.85 -13.56
CA ARG A 95 -5.63 19.20 -13.13
C ARG A 95 -6.88 20.09 -13.17
N GLU A 96 -7.64 20.03 -14.28
CA GLU A 96 -8.87 20.79 -14.46
C GLU A 96 -10.04 20.20 -13.67
N ASN A 97 -9.98 18.87 -13.37
CA ASN A 97 -10.99 18.14 -12.58
C ASN A 97 -11.11 18.70 -11.16
N LEU A 98 -9.98 19.12 -10.56
CA LEU A 98 -9.93 19.72 -9.22
C LEU A 98 -10.62 21.08 -9.22
N ASP A 99 -10.52 21.82 -10.34
CA ASP A 99 -11.11 23.15 -10.52
C ASP A 99 -12.60 23.07 -10.88
N ILE A 100 -12.98 22.07 -11.72
CA ILE A 100 -14.37 21.83 -12.16
C ILE A 100 -15.24 21.38 -10.97
N LEU A 101 -14.75 20.41 -10.18
CA LEU A 101 -15.45 19.86 -9.01
C LEU A 101 -15.57 20.84 -7.86
N ARG A 102 -14.64 21.81 -7.74
CA ARG A 102 -14.67 22.85 -6.70
C ARG A 102 -15.79 23.86 -6.96
N ARG A 103 -16.17 24.05 -8.24
CA ARG A 103 -17.24 24.96 -8.65
C ARG A 103 -18.61 24.38 -8.33
N ARG A 104 -18.78 23.05 -8.53
CA ARG A 104 -20.03 22.31 -8.27
C ARG A 104 -20.35 22.26 -6.77
N TYR A 105 -19.30 22.11 -5.93
CA TYR A 105 -19.41 22.07 -4.47
C TYR A 105 -19.38 23.47 -3.85
N ASN A 106 -18.97 24.49 -4.66
CA ASN A 106 -18.80 25.90 -4.29
C ASN A 106 -17.76 26.06 -3.16
N GLN A 107 -16.50 25.74 -3.49
CA GLN A 107 -15.35 25.79 -2.57
C GLN A 107 -14.24 26.70 -3.11
N THR A 108 -13.64 27.50 -2.22
CA THR A 108 -12.56 28.43 -2.55
C THR A 108 -11.22 27.70 -2.72
N GLY A 109 -10.95 26.75 -1.81
CA GLY A 109 -9.73 25.95 -1.82
C GLY A 109 -9.33 25.41 -0.46
N GLY A 110 -8.28 24.60 -0.45
CA GLY A 110 -7.75 23.97 0.75
C GLY A 110 -7.25 22.56 0.49
N SER A 111 -7.78 21.59 1.27
CA SER A 111 -7.42 20.17 1.14
C SER A 111 -8.46 19.43 0.30
N HIS A 112 -8.18 19.28 -1.01
CA HIS A 112 -9.05 18.61 -1.97
C HIS A 112 -8.27 17.61 -2.81
N THR A 113 -8.84 16.41 -3.02
CA THR A 113 -8.19 15.36 -3.80
C THR A 113 -9.14 14.65 -4.76
N VAL A 114 -8.61 14.24 -5.93
CA VAL A 114 -9.33 13.50 -6.97
C VAL A 114 -8.64 12.14 -7.15
N GLN A 115 -9.31 11.07 -6.75
CA GLN A 115 -8.80 9.70 -6.82
C GLN A 115 -9.42 8.93 -7.99
N TRP A 116 -8.66 7.99 -8.57
CA TRP A 116 -9.07 7.16 -9.70
C TRP A 116 -8.42 5.77 -9.59
N MET A 117 -9.21 4.70 -9.74
CA MET A 117 -8.67 3.34 -9.74
C MET A 117 -9.32 2.51 -10.84
N SER A 118 -8.51 2.18 -11.86
CA SER A 118 -8.91 1.41 -13.03
C SER A 118 -8.12 0.11 -13.13
N GLY A 119 -8.67 -0.87 -13.84
CA GLY A 119 -8.03 -2.17 -14.03
C GLY A 119 -8.99 -3.31 -14.26
N CYS A 120 -8.44 -4.53 -14.36
CA CYS A 120 -9.18 -5.76 -14.60
C CYS A 120 -8.60 -6.94 -13.83
N ASP A 121 -9.47 -7.88 -13.41
CA ASP A 121 -9.09 -9.08 -12.67
C ASP A 121 -9.39 -10.34 -13.47
N ILE A 122 -8.38 -11.21 -13.63
CA ILE A 122 -8.53 -12.49 -14.32
C ILE A 122 -8.68 -13.56 -13.23
N LEU A 123 -9.93 -13.96 -12.96
CA LEU A 123 -10.30 -14.96 -11.96
C LEU A 123 -9.82 -16.37 -12.34
N GLU A 124 -9.80 -17.28 -11.35
CA GLU A 124 -9.39 -18.69 -11.49
C GLU A 124 -10.15 -19.40 -12.62
N ASP A 125 -11.49 -19.23 -12.67
CA ASP A 125 -12.38 -19.80 -13.68
C ASP A 125 -12.15 -19.21 -15.07
N GLY A 126 -11.80 -17.93 -15.14
CA GLY A 126 -11.53 -17.21 -16.38
C GLY A 126 -12.45 -16.04 -16.64
N THR A 127 -13.32 -15.70 -15.66
CA THR A 127 -14.27 -14.59 -15.77
C THR A 127 -13.54 -13.25 -15.62
N ILE A 128 -13.79 -12.33 -16.56
CA ILE A 128 -13.19 -10.99 -16.60
C ILE A 128 -13.97 -10.05 -15.67
N ARG A 129 -13.27 -9.41 -14.72
CA ARG A 129 -13.85 -8.46 -13.76
C ARG A 129 -13.10 -7.13 -13.83
N GLY A 130 -13.58 -6.24 -14.70
CA GLY A 130 -13.00 -4.92 -14.93
C GLY A 130 -13.70 -3.82 -14.17
N TYR A 131 -12.91 -2.97 -13.48
CA TYR A 131 -13.41 -1.84 -12.69
C TYR A 131 -12.82 -0.50 -13.14
N HIS A 132 -13.62 0.57 -13.01
CA HIS A 132 -13.25 1.94 -13.36
C HIS A 132 -14.09 2.88 -12.50
N GLN A 133 -13.50 3.43 -11.43
CA GLN A 133 -14.21 4.31 -10.49
C GLN A 133 -13.36 5.47 -9.98
N ALA A 134 -14.03 6.59 -9.63
CA ALA A 134 -13.44 7.83 -9.13
C ALA A 134 -13.96 8.22 -7.75
N ALA A 135 -13.24 9.14 -7.06
CA ALA A 135 -13.59 9.65 -5.74
C ALA A 135 -13.09 11.06 -5.50
N TYR A 136 -13.92 11.89 -4.84
CA TYR A 136 -13.58 13.27 -4.47
C TYR A 136 -13.65 13.42 -2.96
N ASP A 137 -12.52 13.85 -2.36
CA ASP A 137 -12.32 14.05 -0.92
C ASP A 137 -12.53 12.73 -0.12
N GLY A 138 -11.99 11.64 -0.69
CA GLY A 138 -12.05 10.31 -0.11
C GLY A 138 -13.43 9.69 -0.03
N ARG A 139 -14.32 10.06 -0.97
CA ARG A 139 -15.70 9.56 -1.04
C ARG A 139 -16.11 9.28 -2.49
N ASP A 140 -16.73 8.10 -2.72
CA ASP A 140 -17.20 7.60 -4.03
C ASP A 140 -17.93 8.67 -4.85
N PHE A 141 -17.41 8.97 -6.05
CA PHE A 141 -17.95 9.98 -6.96
C PHE A 141 -18.71 9.32 -8.11
N VAL A 142 -17.98 8.65 -9.02
CA VAL A 142 -18.55 7.94 -10.18
C VAL A 142 -17.95 6.55 -10.35
N ALA A 143 -18.79 5.56 -10.68
CA ALA A 143 -18.36 4.17 -10.88
C ALA A 143 -18.95 3.61 -12.17
N PHE A 144 -18.11 2.98 -13.01
CA PHE A 144 -18.55 2.40 -14.28
C PHE A 144 -19.01 0.96 -14.12
N ASP A 145 -20.19 0.64 -14.68
CA ASP A 145 -20.79 -0.69 -14.68
C ASP A 145 -20.75 -1.29 -16.08
N LYS A 146 -20.36 -2.57 -16.18
CA LYS A 146 -20.26 -3.29 -17.46
C LYS A 146 -21.60 -3.92 -17.89
N GLY A 147 -22.38 -4.38 -16.91
CA GLY A 147 -23.68 -5.00 -17.11
C GLY A 147 -24.74 -4.07 -17.65
N THR A 148 -24.65 -2.77 -17.31
CA THR A 148 -25.59 -1.72 -17.76
C THR A 148 -24.98 -0.84 -18.85
N MET A 149 -23.63 -0.84 -18.96
CA MET A 149 -22.82 -0.05 -19.91
C MET A 149 -23.01 1.47 -19.72
N THR A 150 -23.18 1.91 -18.45
CA THR A 150 -23.38 3.32 -18.07
C THR A 150 -22.56 3.68 -16.83
N LEU A 151 -22.17 4.96 -16.73
CA LEU A 151 -21.41 5.51 -15.61
C LEU A 151 -22.40 5.92 -14.51
N THR A 152 -22.32 5.25 -13.34
CA THR A 152 -23.18 5.49 -12.18
C THR A 152 -22.66 6.65 -11.32
N ALA A 153 -23.54 7.61 -11.01
CA ALA A 153 -23.23 8.77 -10.16
C ALA A 153 -23.73 8.51 -8.73
N ALA A 154 -22.79 8.49 -7.77
CA ALA A 154 -23.07 8.21 -6.36
C ALA A 154 -23.47 9.46 -5.56
N VAL A 155 -22.93 10.63 -5.93
CA VAL A 155 -23.17 11.91 -5.26
C VAL A 155 -23.96 12.85 -6.21
N PRO A 156 -24.95 13.66 -5.73
CA PRO A 156 -25.70 14.56 -6.64
C PRO A 156 -24.83 15.54 -7.46
N GLU A 157 -23.59 15.79 -7.02
CA GLU A 157 -22.62 16.66 -7.70
C GLU A 157 -21.90 15.92 -8.84
N ALA A 158 -22.09 14.58 -8.92
CA ALA A 158 -21.50 13.71 -9.95
C ALA A 158 -22.44 13.52 -11.15
N VAL A 159 -23.62 14.17 -11.13
CA VAL A 159 -24.62 14.13 -12.21
C VAL A 159 -24.09 14.85 -13.48
N PRO A 160 -23.46 16.06 -13.43
CA PRO A 160 -22.94 16.68 -14.68
C PRO A 160 -21.83 15.87 -15.37
N THR A 161 -21.17 14.95 -14.63
CA THR A 161 -20.13 14.05 -15.15
C THR A 161 -20.81 13.02 -16.07
N LYS A 162 -21.96 12.47 -15.62
CA LYS A 162 -22.79 11.50 -16.35
C LYS A 162 -23.30 12.10 -17.67
N ARG A 163 -23.61 13.42 -17.67
CA ARG A 163 -24.08 14.15 -18.85
C ARG A 163 -22.99 14.24 -19.92
N LYS A 164 -21.71 14.40 -19.49
CA LYS A 164 -20.53 14.47 -20.36
C LYS A 164 -20.25 13.11 -20.99
N TRP A 165 -20.40 12.04 -20.20
CA TRP A 165 -20.18 10.65 -20.62
C TRP A 165 -21.25 10.15 -21.59
N GLU A 166 -22.52 10.57 -21.38
CA GLU A 166 -23.65 10.19 -22.24
C GLU A 166 -23.60 10.92 -23.59
N GLU A 167 -23.00 12.12 -23.62
CA GLU A 167 -22.84 12.94 -24.82
C GLU A 167 -21.65 12.44 -25.66
N GLY A 168 -20.52 12.22 -24.99
CA GLY A 168 -19.28 11.75 -25.62
C GLY A 168 -19.32 10.30 -26.07
N GLY A 169 -19.94 9.45 -25.25
CA GLY A 169 -20.06 8.03 -25.51
C GLY A 169 -18.78 7.24 -25.28
N TYR A 170 -18.14 7.48 -24.12
CA TYR A 170 -16.89 6.82 -23.72
C TYR A 170 -17.14 5.37 -23.27
N ALA A 171 -18.39 5.06 -22.89
CA ALA A 171 -18.88 3.77 -22.38
C ALA A 171 -18.46 2.54 -23.20
N GLU A 172 -18.60 2.59 -24.54
CA GLU A 172 -18.23 1.48 -25.42
C GLU A 172 -16.72 1.32 -25.54
N GLY A 173 -16.00 2.44 -25.62
CA GLY A 173 -14.54 2.49 -25.73
C GLY A 173 -13.85 2.01 -24.46
N LEU A 174 -14.45 2.28 -23.30
CA LEU A 174 -13.94 1.88 -21.99
C LEU A 174 -14.19 0.40 -21.73
N LYS A 175 -15.35 -0.12 -22.18
CA LYS A 175 -15.73 -1.53 -22.02
C LYS A 175 -14.82 -2.45 -22.85
N GLN A 176 -14.43 -2.03 -24.08
CA GLN A 176 -13.52 -2.80 -24.93
C GLN A 176 -12.07 -2.72 -24.43
N TYR A 177 -11.79 -1.79 -23.48
CA TYR A 177 -10.48 -1.63 -22.86
C TYR A 177 -10.37 -2.50 -21.59
N LEU A 178 -11.41 -2.44 -20.72
CA LEU A 178 -11.48 -3.20 -19.47
C LEU A 178 -11.67 -4.71 -19.67
N GLU A 179 -12.23 -5.12 -20.83
CA GLU A 179 -12.49 -6.52 -21.14
C GLU A 179 -11.48 -7.15 -22.11
N GLU A 180 -10.80 -6.32 -22.93
CA GLU A 180 -9.83 -6.82 -23.91
C GLU A 180 -8.41 -6.26 -23.74
N THR A 181 -8.22 -4.94 -23.96
CA THR A 181 -6.91 -4.24 -23.92
C THR A 181 -6.09 -4.55 -22.65
N CYS A 182 -6.65 -4.36 -21.44
CA CYS A 182 -5.92 -4.64 -20.20
C CYS A 182 -5.79 -6.14 -19.90
N VAL A 183 -6.82 -6.93 -20.25
CA VAL A 183 -6.89 -8.39 -20.05
C VAL A 183 -5.81 -9.11 -20.87
N GLU A 184 -5.64 -8.72 -22.16
CA GLU A 184 -4.64 -9.28 -23.07
C GLU A 184 -3.22 -8.96 -22.57
N TRP A 185 -3.02 -7.73 -22.05
CA TRP A 185 -1.74 -7.27 -21.52
C TRP A 185 -1.39 -7.88 -20.16
N LEU A 186 -2.42 -8.12 -19.29
CA LEU A 186 -2.23 -8.72 -17.97
C LEU A 186 -1.75 -10.17 -18.10
N ARG A 187 -2.27 -10.90 -19.10
CA ARG A 187 -1.88 -12.30 -19.41
C ARG A 187 -0.39 -12.35 -19.74
N ARG A 188 0.12 -11.32 -20.45
CA ARG A 188 1.53 -11.16 -20.80
C ARG A 188 2.36 -10.78 -19.58
N TYR A 189 1.84 -9.87 -18.73
CA TYR A 189 2.51 -9.40 -17.50
C TYR A 189 2.77 -10.52 -16.50
N VAL A 190 1.82 -11.47 -16.39
CA VAL A 190 1.92 -12.65 -15.52
C VAL A 190 3.04 -13.57 -16.05
N GLU A 191 3.10 -13.76 -17.38
CA GLU A 191 4.13 -14.58 -18.04
C GLU A 191 5.51 -13.93 -18.00
N TYR A 192 5.57 -12.57 -18.05
CA TYR A 192 6.82 -11.81 -17.98
C TYR A 192 7.47 -11.91 -16.60
N GLY A 193 6.65 -11.87 -15.55
CA GLY A 193 7.10 -11.95 -14.16
C GLY A 193 6.67 -13.20 -13.44
N LYS A 194 6.60 -14.34 -14.15
CA LYS A 194 6.22 -15.65 -13.61
C LYS A 194 7.25 -16.17 -12.59
N ALA A 195 8.54 -15.87 -12.84
CA ALA A 195 9.65 -16.24 -11.97
C ALA A 195 9.71 -15.36 -10.71
N GLU A 196 9.30 -14.08 -10.83
CA GLU A 196 9.29 -13.11 -9.74
C GLU A 196 8.10 -13.30 -8.80
N LEU A 197 6.87 -13.38 -9.36
CA LEU A 197 5.62 -13.56 -8.60
C LEU A 197 5.53 -14.96 -7.99
N GLY A 198 6.01 -15.96 -8.71
CA GLY A 198 6.01 -17.36 -8.30
C GLY A 198 7.06 -17.72 -7.25
N ARG A 199 8.07 -16.84 -7.06
CA ARG A 199 9.15 -17.05 -6.09
C ARG A 199 8.66 -16.84 -4.66
N ARG A 200 9.05 -17.74 -3.74
CA ARG A 200 8.67 -17.68 -2.34
C ARG A 200 9.86 -17.29 -1.46
N GLU A 201 9.67 -16.28 -0.60
CA GLU A 201 10.70 -15.78 0.31
C GLU A 201 10.38 -16.17 1.75
N ARG A 202 11.31 -16.87 2.40
CA ARG A 202 11.19 -17.37 3.78
C ARG A 202 11.32 -16.22 4.80
N PRO A 203 10.42 -16.14 5.81
CA PRO A 203 10.53 -15.05 6.79
C PRO A 203 11.45 -15.33 7.97
N GLU A 204 12.07 -14.26 8.51
CA GLU A 204 12.93 -14.34 9.70
C GLU A 204 12.05 -14.02 10.91
N VAL A 205 11.72 -15.05 11.70
CA VAL A 205 10.83 -14.94 12.86
C VAL A 205 11.62 -14.72 14.15
N ARG A 206 11.11 -13.79 15.00
CA ARG A 206 11.67 -13.45 16.31
C ARG A 206 10.54 -13.34 17.34
N VAL A 207 10.65 -14.12 18.43
CA VAL A 207 9.66 -14.14 19.51
C VAL A 207 10.18 -13.35 20.71
N TRP A 208 9.47 -12.28 21.10
CA TRP A 208 9.85 -11.40 22.20
C TRP A 208 8.78 -11.35 23.32
N GLY A 209 9.08 -10.60 24.37
CA GLY A 209 8.21 -10.43 25.52
C GLY A 209 8.53 -9.19 26.34
N LYS A 210 7.49 -8.50 26.84
CA LYS A 210 7.62 -7.27 27.63
C LYS A 210 6.73 -7.34 28.88
N GLU A 211 7.28 -6.91 30.03
CA GLU A 211 6.60 -6.87 31.33
C GLU A 211 6.18 -5.43 31.64
N ALA A 212 4.88 -5.23 31.96
CA ALA A 212 4.33 -3.92 32.28
C ALA A 212 3.70 -3.85 33.68
N ASP A 213 2.36 -4.03 33.79
CA ASP A 213 1.62 -3.99 35.06
C ASP A 213 1.07 -5.37 35.42
N GLY A 214 1.98 -6.30 35.69
CA GLY A 214 1.66 -7.68 36.04
C GLY A 214 1.15 -8.51 34.87
N ILE A 215 1.36 -8.03 33.63
CA ILE A 215 0.92 -8.68 32.39
C ILE A 215 2.12 -8.76 31.43
N LEU A 216 2.45 -9.99 30.99
CA LEU A 216 3.54 -10.25 30.05
C LEU A 216 2.99 -10.25 28.62
N THR A 217 3.38 -9.24 27.83
CA THR A 217 2.94 -9.10 26.44
C THR A 217 3.95 -9.79 25.51
N LEU A 218 3.57 -10.98 25.00
CA LEU A 218 4.41 -11.77 24.10
C LEU A 218 4.22 -11.31 22.66
N SER A 219 5.32 -10.92 22.00
CA SER A 219 5.33 -10.42 20.63
C SER A 219 5.97 -11.42 19.65
N CYS A 220 5.49 -11.41 18.40
CA CYS A 220 5.99 -12.26 17.32
C CYS A 220 6.07 -11.45 16.02
N ARG A 221 7.29 -11.30 15.48
CA ARG A 221 7.54 -10.53 14.26
C ARG A 221 8.16 -11.39 13.16
N ALA A 222 7.54 -11.36 11.95
CA ALA A 222 8.02 -12.07 10.78
C ALA A 222 8.63 -11.04 9.82
N HIS A 223 9.92 -11.20 9.48
CA HIS A 223 10.67 -10.27 8.65
C HIS A 223 10.91 -10.74 7.21
N GLY A 224 10.59 -9.85 6.26
CA GLY A 224 10.78 -9.99 4.83
C GLY A 224 10.29 -11.25 4.15
N PHE A 225 8.95 -11.42 4.04
CA PHE A 225 8.34 -12.59 3.40
C PHE A 225 7.57 -12.22 2.13
N TYR A 226 7.50 -13.17 1.19
CA TYR A 226 6.77 -13.05 -0.08
C TYR A 226 6.14 -14.41 -0.44
N PRO A 227 4.86 -14.48 -0.90
CA PRO A 227 3.90 -13.39 -1.19
C PRO A 227 3.27 -12.73 0.05
N ARG A 228 2.34 -11.79 -0.18
CA ARG A 228 1.64 -11.04 0.87
C ARG A 228 0.79 -11.92 1.84
N PRO A 229 0.00 -12.95 1.39
CA PRO A 229 -0.81 -13.71 2.36
C PRO A 229 -0.02 -14.50 3.40
N ILE A 230 -0.35 -14.26 4.68
CA ILE A 230 0.27 -14.90 5.85
C ILE A 230 -0.75 -15.03 6.99
N VAL A 231 -0.66 -16.13 7.76
CA VAL A 231 -1.52 -16.37 8.92
C VAL A 231 -0.60 -16.60 10.13
N VAL A 232 -0.43 -15.57 10.96
CA VAL A 232 0.40 -15.62 12.16
C VAL A 232 -0.51 -15.63 13.39
N SER A 233 -0.60 -16.81 14.03
CA SER A 233 -1.45 -17.03 15.21
C SER A 233 -0.65 -17.51 16.42
N TRP A 234 -1.11 -17.10 17.62
CA TRP A 234 -0.49 -17.48 18.89
C TRP A 234 -1.14 -18.73 19.46
N LEU A 235 -0.32 -19.59 20.08
CA LEU A 235 -0.74 -20.86 20.68
C LEU A 235 -0.42 -20.93 22.16
N LYS A 236 -1.28 -21.61 22.93
CA LYS A 236 -1.14 -21.82 24.38
C LYS A 236 -1.35 -23.32 24.65
N ASP A 237 -0.26 -24.00 25.09
CA ASP A 237 -0.22 -25.44 25.38
C ASP A 237 -0.62 -26.32 24.17
N GLY A 238 -0.24 -25.85 22.97
CA GLY A 238 -0.52 -26.53 21.71
C GLY A 238 -1.83 -26.17 21.04
N ALA A 239 -2.67 -25.36 21.73
CA ALA A 239 -3.98 -24.93 21.21
C ALA A 239 -3.98 -23.46 20.81
N VAL A 240 -4.52 -23.15 19.62
CA VAL A 240 -4.59 -21.80 19.05
C VAL A 240 -5.50 -20.87 19.87
N ARG A 241 -5.02 -19.62 20.11
CA ARG A 241 -5.72 -18.58 20.85
C ARG A 241 -5.82 -17.33 19.97
N GLY A 242 -6.71 -17.40 18.98
CA GLY A 242 -6.95 -16.34 17.99
C GLY A 242 -7.58 -15.07 18.54
N GLN A 243 -8.49 -15.21 19.52
CA GLN A 243 -9.20 -14.10 20.15
C GLN A 243 -8.28 -13.22 21.00
N ASP A 244 -7.47 -13.82 21.89
CA ASP A 244 -6.55 -13.09 22.78
C ASP A 244 -5.41 -12.39 22.04
N ALA A 245 -5.01 -12.92 20.87
CA ALA A 245 -3.93 -12.35 20.04
C ALA A 245 -4.43 -11.16 19.22
N GLN A 246 -3.60 -10.10 19.15
CA GLN A 246 -3.88 -8.86 18.41
C GLN A 246 -2.83 -8.66 17.32
N SER A 247 -3.26 -8.55 16.05
CA SER A 247 -2.39 -8.35 14.90
C SER A 247 -2.33 -6.89 14.46
N GLY A 248 -1.21 -6.53 13.83
CA GLY A 248 -0.96 -5.18 13.32
C GLY A 248 -1.17 -5.05 11.83
N GLY A 249 -1.32 -6.20 11.16
CA GLY A 249 -1.55 -6.29 9.72
C GLY A 249 -0.29 -6.58 8.93
N ILE A 250 -0.45 -6.90 7.63
CA ILE A 250 0.66 -7.20 6.73
C ILE A 250 1.21 -5.88 6.14
N VAL A 251 2.19 -5.30 6.86
CA VAL A 251 2.84 -4.02 6.51
C VAL A 251 3.99 -4.23 5.50
N PRO A 252 4.12 -3.39 4.44
CA PRO A 252 5.18 -3.62 3.45
C PRO A 252 6.55 -3.00 3.75
N ASN A 253 7.62 -3.67 3.29
CA ASN A 253 9.01 -3.22 3.43
C ASN A 253 9.43 -2.40 2.19
N GLY A 254 10.56 -1.71 2.31
CA GLY A 254 11.10 -0.86 1.24
C GLY A 254 11.66 -1.56 0.03
N ASP A 255 11.97 -2.87 0.15
CA ASP A 255 12.54 -3.69 -0.93
C ASP A 255 11.51 -4.51 -1.73
N GLY A 256 10.25 -4.53 -1.26
CA GLY A 256 9.18 -5.27 -1.91
C GLY A 256 8.60 -6.38 -1.05
N THR A 257 9.33 -6.77 0.00
CA THR A 257 8.92 -7.82 0.95
C THR A 257 7.89 -7.31 1.95
N TYR A 258 7.39 -8.19 2.83
CA TYR A 258 6.37 -7.85 3.81
C TYR A 258 6.75 -8.19 5.26
N HIS A 259 6.08 -7.54 6.22
CA HIS A 259 6.27 -7.67 7.66
C HIS A 259 4.91 -7.78 8.37
N THR A 260 4.87 -8.46 9.52
CA THR A 260 3.66 -8.62 10.35
C THR A 260 4.04 -8.66 11.84
N TRP A 261 3.16 -8.11 12.69
CA TRP A 261 3.36 -8.01 14.13
C TRP A 261 2.12 -8.46 14.89
N VAL A 262 2.23 -9.57 15.66
CA VAL A 262 1.14 -10.15 16.45
C VAL A 262 1.55 -10.22 17.94
N THR A 263 0.71 -9.67 18.84
CA THR A 263 0.95 -9.64 20.29
C THR A 263 -0.16 -10.32 21.09
N ILE A 264 0.21 -10.96 22.22
CA ILE A 264 -0.73 -11.64 23.12
C ILE A 264 -0.41 -11.34 24.60
N ASP A 265 -1.46 -11.19 25.43
CA ASP A 265 -1.31 -10.94 26.86
C ASP A 265 -1.24 -12.26 27.63
N ALA A 266 -0.30 -12.36 28.58
CA ALA A 266 -0.07 -13.57 29.37
C ALA A 266 0.32 -13.30 30.83
N GLN A 267 0.20 -14.34 31.68
CA GLN A 267 0.55 -14.31 33.11
C GLN A 267 2.10 -14.38 33.23
N PRO A 268 2.74 -13.58 34.11
CA PRO A 268 4.22 -13.66 34.21
C PRO A 268 4.70 -15.02 34.74
N GLY A 269 5.47 -15.70 33.91
CA GLY A 269 6.00 -17.04 34.19
C GLY A 269 5.36 -18.11 33.35
N ASP A 270 4.62 -17.70 32.30
CA ASP A 270 3.92 -18.60 31.37
C ASP A 270 4.40 -18.42 29.92
N GLY A 271 5.37 -17.52 29.70
CA GLY A 271 5.95 -17.17 28.41
C GLY A 271 6.40 -18.33 27.52
N ASP A 272 7.02 -19.36 28.13
CA ASP A 272 7.51 -20.53 27.39
C ASP A 272 6.41 -21.53 27.01
N LYS A 273 5.22 -21.41 27.64
CA LYS A 273 4.05 -22.27 27.34
C LYS A 273 3.41 -21.83 26.02
N TYR A 274 3.73 -20.59 25.57
CA TYR A 274 3.23 -19.99 24.34
C TYR A 274 4.14 -20.25 23.14
N GLN A 275 3.53 -20.42 21.95
CA GLN A 275 4.22 -20.68 20.69
C GLN A 275 3.62 -19.86 19.54
N CYS A 276 4.48 -19.34 18.66
CA CYS A 276 4.07 -18.55 17.50
C CYS A 276 4.00 -19.44 16.25
N ARG A 277 2.80 -19.58 15.68
CA ARG A 277 2.56 -20.39 14.49
C ARG A 277 2.56 -19.50 13.24
N VAL A 278 3.49 -19.75 12.32
CA VAL A 278 3.62 -18.99 11.08
C VAL A 278 3.43 -19.93 9.87
N GLU A 279 2.28 -19.81 9.20
CA GLU A 279 1.96 -20.61 8.01
C GLU A 279 2.02 -19.75 6.74
N HIS A 280 3.09 -19.96 5.96
CA HIS A 280 3.40 -19.21 4.74
C HIS A 280 3.65 -20.16 3.56
N ALA A 281 3.55 -19.64 2.31
CA ALA A 281 3.77 -20.39 1.08
C ALA A 281 5.21 -20.92 0.94
N SER A 282 6.20 -20.23 1.55
CA SER A 282 7.61 -20.61 1.55
C SER A 282 7.87 -21.84 2.43
N LEU A 283 7.07 -21.99 3.50
CA LEU A 283 7.18 -23.10 4.46
C LEU A 283 6.27 -24.27 4.04
N PRO A 284 6.82 -25.49 3.82
CA PRO A 284 5.94 -26.62 3.43
C PRO A 284 5.04 -27.09 4.57
N GLN A 285 5.46 -26.84 5.82
CA GLN A 285 4.74 -27.14 7.06
C GLN A 285 4.73 -25.86 7.92
N PRO A 286 3.62 -25.55 8.65
CA PRO A 286 3.61 -24.32 9.47
C PRO A 286 4.69 -24.29 10.56
N GLY A 287 5.50 -23.23 10.52
CA GLY A 287 6.60 -23.02 11.46
C GLY A 287 6.14 -22.67 12.85
N LEU A 288 6.66 -23.39 13.85
CA LEU A 288 6.34 -23.18 15.27
C LEU A 288 7.58 -22.65 15.98
N TYR A 289 7.48 -21.44 16.57
CA TYR A 289 8.60 -20.75 17.21
C TYR A 289 8.29 -20.33 18.64
N SER A 290 9.25 -20.53 19.56
CA SER A 290 9.14 -20.19 20.98
C SER A 290 10.11 -19.07 21.38
N TRP A 291 9.98 -18.49 22.59
CA TRP A 291 10.84 -17.42 23.09
C TRP A 291 12.25 -17.95 23.44
N ARG A 292 12.31 -19.12 24.11
CA ARG A 292 13.56 -19.75 24.53
C ARG A 292 14.21 -20.65 23.46
N SER A 293 13.45 -21.02 22.40
CA SER A 293 13.93 -21.88 21.31
C SER A 293 15.18 -21.35 20.53
N GLY A 294 15.29 -20.06 20.17
CA GLY A 294 14.35 -18.96 20.36
C GLY A 294 14.03 -18.29 19.04
N GLY A 295 12.81 -18.48 18.56
CA GLY A 295 12.35 -17.92 17.30
C GLY A 295 12.84 -18.72 16.11
N GLY A 296 13.14 -18.00 15.02
CA GLY A 296 13.62 -18.56 13.77
C GLY A 296 15.00 -19.18 13.79
N LEU A 297 15.91 -18.67 14.64
CA LEU A 297 17.27 -19.19 14.75
C LEU A 297 17.43 -20.23 15.85
N LEU B 2 -9.70 11.45 8.30
CA LEU B 2 -9.42 10.12 8.84
C LEU B 2 -8.05 10.07 9.53
N THR B 3 -8.02 9.50 10.74
CA THR B 3 -6.80 9.37 11.56
C THR B 3 -5.90 8.24 11.04
N PRO B 4 -4.55 8.42 11.00
CA PRO B 4 -3.68 7.36 10.49
C PRO B 4 -3.36 6.24 11.49
N LYS B 5 -3.26 5.00 10.97
CA LYS B 5 -2.92 3.80 11.75
C LYS B 5 -1.44 3.54 11.47
N VAL B 6 -0.57 3.94 12.42
CA VAL B 6 0.89 3.85 12.29
C VAL B 6 1.48 2.65 13.04
N GLN B 7 2.50 2.02 12.43
CA GLN B 7 3.24 0.87 12.96
C GLN B 7 4.72 1.01 12.61
N VAL B 8 5.61 0.98 13.63
CA VAL B 8 7.06 1.11 13.46
C VAL B 8 7.71 -0.27 13.57
N TYR B 9 8.58 -0.61 12.59
CA TYR B 9 9.25 -1.90 12.47
C TYR B 9 10.56 -1.81 11.67
N SER B 10 11.40 -2.85 11.79
CA SER B 10 12.68 -2.96 11.08
C SER B 10 12.59 -4.01 9.96
N ARG B 11 13.43 -3.88 8.92
CA ARG B 11 13.47 -4.79 7.78
C ARG B 11 14.04 -6.16 8.19
N PHE B 12 15.26 -6.17 8.75
CA PHE B 12 15.95 -7.39 9.21
C PHE B 12 15.91 -7.44 10.74
N PRO B 13 16.02 -8.64 11.39
CA PRO B 13 16.00 -8.67 12.87
C PRO B 13 17.15 -7.85 13.46
N ALA B 14 16.82 -6.95 14.41
CA ALA B 14 17.76 -6.04 15.06
C ALA B 14 18.96 -6.70 15.73
N SER B 15 20.17 -6.27 15.32
CA SER B 15 21.45 -6.74 15.83
C SER B 15 22.43 -5.57 15.90
N ALA B 16 23.09 -5.41 17.06
CA ALA B 16 24.04 -4.34 17.34
C ALA B 16 25.28 -4.37 16.42
N GLY B 17 25.64 -3.21 15.89
CA GLY B 17 26.78 -3.02 15.01
C GLY B 17 26.60 -3.59 13.61
N THR B 18 25.34 -3.68 13.14
CA THR B 18 24.98 -4.21 11.82
C THR B 18 23.97 -3.26 11.15
N LYS B 19 24.12 -3.01 9.84
CA LYS B 19 23.24 -2.13 9.06
C LYS B 19 21.82 -2.70 8.94
N ASN B 20 20.81 -1.83 9.08
CA ASN B 20 19.39 -2.18 9.02
C ASN B 20 18.55 -1.03 8.43
N VAL B 21 17.26 -1.29 8.14
CA VAL B 21 16.33 -0.30 7.59
C VAL B 21 15.16 -0.08 8.58
N LEU B 22 14.93 1.19 8.98
CA LEU B 22 13.84 1.54 9.89
C LEU B 22 12.62 1.99 9.10
N ASN B 23 11.53 1.20 9.17
CA ASN B 23 10.29 1.47 8.44
C ASN B 23 9.20 2.04 9.34
N CYS B 24 8.43 3.00 8.80
CA CYS B 24 7.31 3.65 9.46
C CYS B 24 6.15 3.73 8.47
N PHE B 25 5.15 2.83 8.64
CA PHE B 25 4.01 2.74 7.74
C PHE B 25 2.72 3.24 8.38
N ALA B 26 2.07 4.22 7.73
CA ALA B 26 0.80 4.82 8.14
C ALA B 26 -0.26 4.51 7.08
N ALA B 27 -1.46 4.08 7.50
CA ALA B 27 -2.55 3.73 6.60
C ALA B 27 -3.93 4.08 7.17
N GLY B 28 -4.94 4.17 6.30
CA GLY B 28 -6.31 4.48 6.67
C GLY B 28 -6.53 5.93 7.03
N PHE B 29 -5.84 6.85 6.33
CA PHE B 29 -5.93 8.30 6.58
C PHE B 29 -6.41 9.12 5.40
N HIS B 30 -6.92 10.34 5.70
CA HIS B 30 -7.41 11.35 4.77
C HIS B 30 -7.41 12.72 5.49
N PRO B 31 -6.92 13.84 4.89
CA PRO B 31 -6.39 14.04 3.52
C PRO B 31 -5.04 13.35 3.26
N PRO B 32 -4.59 13.20 1.98
CA PRO B 32 -3.30 12.51 1.72
C PRO B 32 -2.05 13.18 2.27
N LYS B 33 -2.11 14.49 2.61
CA LYS B 33 -0.99 15.25 3.18
C LYS B 33 -0.68 14.73 4.59
N ILE B 34 0.53 14.16 4.77
CA ILE B 34 1.00 13.60 6.04
C ILE B 34 2.51 13.85 6.23
N SER B 35 2.90 14.22 7.46
CA SER B 35 4.30 14.50 7.81
C SER B 35 4.86 13.37 8.68
N ILE B 36 5.48 12.37 8.03
CA ILE B 36 6.09 11.21 8.69
C ILE B 36 7.61 11.42 8.75
N THR B 37 8.15 11.48 9.98
CA THR B 37 9.58 11.70 10.22
C THR B 37 10.16 10.68 11.20
N LEU B 38 11.24 9.99 10.79
CA LEU B 38 11.96 9.02 11.61
C LEU B 38 13.02 9.77 12.40
N MET B 39 13.14 9.51 13.71
CA MET B 39 14.12 10.23 14.53
C MET B 39 14.91 9.35 15.51
N LYS B 40 16.18 9.73 15.73
CA LYS B 40 17.13 9.11 16.64
C LYS B 40 17.34 10.09 17.80
N ASP B 41 16.91 9.68 19.02
CA ASP B 41 16.98 10.46 20.27
C ASP B 41 16.27 11.83 20.19
N GLY B 42 15.21 11.90 19.38
CA GLY B 42 14.42 13.11 19.16
C GLY B 42 14.87 13.93 17.96
N VAL B 43 16.11 13.67 17.47
CA VAL B 43 16.71 14.36 16.33
C VAL B 43 16.40 13.58 15.03
N PRO B 44 15.82 14.23 13.98
CA PRO B 44 15.50 13.50 12.74
C PRO B 44 16.66 12.73 12.10
N MET B 45 16.34 11.56 11.51
CA MET B 45 17.30 10.65 10.88
C MET B 45 17.67 11.03 9.45
N GLU B 46 18.90 10.65 9.04
CA GLU B 46 19.44 10.90 7.69
C GLU B 46 18.96 9.87 6.68
N GLY B 47 18.79 10.32 5.44
CA GLY B 47 18.38 9.48 4.32
C GLY B 47 16.97 8.92 4.38
N ALA B 48 16.01 9.73 4.84
CA ALA B 48 14.60 9.33 4.94
C ALA B 48 13.99 9.37 3.52
N GLN B 49 13.65 8.20 2.98
CA GLN B 49 13.10 8.06 1.63
C GLN B 49 11.63 7.70 1.60
N TYR B 50 10.86 8.42 0.76
CA TYR B 50 9.43 8.15 0.56
C TYR B 50 9.27 7.38 -0.75
N SER B 51 8.65 6.20 -0.68
CA SER B 51 8.45 5.33 -1.84
C SER B 51 6.97 5.02 -2.09
N ASP B 52 6.19 4.89 -1.00
CA ASP B 52 4.77 4.58 -1.06
C ASP B 52 3.89 5.84 -1.10
N MET B 53 2.92 5.85 -2.02
CA MET B 53 1.91 6.88 -2.22
C MET B 53 0.72 6.25 -2.95
N SER B 54 0.05 5.33 -2.23
CA SER B 54 -1.08 4.56 -2.73
C SER B 54 -2.29 4.66 -1.80
N PHE B 55 -3.43 4.12 -2.24
CA PHE B 55 -4.68 4.08 -1.48
C PHE B 55 -5.35 2.72 -1.62
N ASN B 56 -5.98 2.25 -0.53
CA ASN B 56 -6.66 0.95 -0.46
C ASN B 56 -7.98 0.98 -1.27
N ASP B 57 -8.67 -0.18 -1.34
CA ASP B 57 -9.94 -0.36 -2.06
C ASP B 57 -11.06 0.54 -1.49
N ASP B 58 -10.94 0.94 -0.21
CA ASP B 58 -11.88 1.82 0.49
C ASP B 58 -11.45 3.31 0.44
N TRP B 59 -10.62 3.68 -0.57
CA TRP B 59 -10.08 5.01 -0.87
C TRP B 59 -9.11 5.59 0.18
N THR B 60 -8.89 4.89 1.31
CA THR B 60 -8.02 5.33 2.39
C THR B 60 -6.54 5.26 2.01
N PHE B 61 -5.83 6.40 2.13
CA PHE B 61 -4.42 6.57 1.79
C PHE B 61 -3.43 5.80 2.68
N GLN B 62 -2.22 5.54 2.13
CA GLN B 62 -1.12 4.85 2.81
C GLN B 62 0.25 5.39 2.40
N ARG B 63 1.22 5.43 3.34
CA ARG B 63 2.59 5.92 3.10
C ARG B 63 3.63 5.18 3.94
N LEU B 64 4.78 4.86 3.31
CA LEU B 64 5.92 4.20 3.95
C LEU B 64 7.17 5.07 3.81
N VAL B 65 7.80 5.38 4.96
CA VAL B 65 9.03 6.17 5.04
C VAL B 65 10.12 5.29 5.64
N HIS B 66 11.17 5.01 4.85
CA HIS B 66 12.28 4.16 5.27
C HIS B 66 13.65 4.86 5.18
N ALA B 67 14.52 4.60 6.17
CA ALA B 67 15.87 5.18 6.24
C ALA B 67 16.88 4.15 6.75
N ASP B 68 18.09 4.14 6.15
CA ASP B 68 19.18 3.24 6.50
C ASP B 68 19.82 3.68 7.83
N PHE B 69 19.96 2.73 8.78
CA PHE B 69 20.51 3.01 10.11
C PHE B 69 21.23 1.82 10.73
N THR B 70 22.04 2.08 11.79
CA THR B 70 22.75 1.05 12.53
C THR B 70 22.26 1.12 13.99
N PRO B 71 21.53 0.08 14.50
CA PRO B 71 21.03 0.15 15.88
C PRO B 71 22.13 0.10 16.94
N SER B 72 22.12 1.08 17.86
CA SER B 72 23.08 1.21 18.94
C SER B 72 22.37 1.27 20.29
N SER B 73 22.99 0.67 21.33
CA SER B 73 22.45 0.65 22.69
C SER B 73 22.59 2.04 23.33
N GLY B 74 21.48 2.55 23.85
CA GLY B 74 21.42 3.87 24.47
C GLY B 74 20.64 4.87 23.63
N SER B 75 20.65 4.66 22.29
CA SER B 75 19.94 5.50 21.32
C SER B 75 18.50 5.01 21.15
N THR B 76 17.53 5.90 21.36
CA THR B 76 16.10 5.59 21.24
C THR B 76 15.58 6.04 19.87
N TYR B 77 15.03 5.09 19.09
CA TYR B 77 14.50 5.35 17.75
C TYR B 77 12.97 5.41 17.80
N ALA B 78 12.39 6.45 17.17
CA ALA B 78 10.94 6.68 17.12
C ALA B 78 10.49 7.33 15.82
N CYS B 79 9.17 7.32 15.55
CA CYS B 79 8.57 7.91 14.36
C CYS B 79 7.49 8.93 14.72
N LYS B 80 7.70 10.19 14.32
CA LYS B 80 6.78 11.31 14.57
C LYS B 80 5.84 11.49 13.38
N VAL B 81 4.53 11.39 13.63
CA VAL B 81 3.49 11.52 12.60
C VAL B 81 2.62 12.76 12.89
N GLU B 82 2.57 13.69 11.91
CA GLU B 82 1.79 14.93 12.00
C GLU B 82 0.67 14.93 10.97
N HIS B 83 -0.57 15.08 11.44
CA HIS B 83 -1.78 15.12 10.59
C HIS B 83 -2.76 16.17 11.11
N GLU B 84 -3.62 16.69 10.21
CA GLU B 84 -4.62 17.71 10.51
C GLU B 84 -5.85 17.17 11.28
N THR B 85 -5.87 15.85 11.57
CA THR B 85 -6.96 15.19 12.31
C THR B 85 -6.50 14.66 13.68
N LEU B 86 -5.19 14.82 13.99
CA LEU B 86 -4.59 14.33 15.25
C LEU B 86 -4.49 15.38 16.36
N LYS B 87 -4.40 16.69 16.02
CA LYS B 87 -4.26 17.83 16.93
C LYS B 87 -2.85 17.88 17.58
N GLU B 88 -2.45 16.80 18.27
CA GLU B 88 -1.16 16.64 18.91
C GLU B 88 -0.36 15.57 18.12
N PRO B 89 0.94 15.78 17.81
CA PRO B 89 1.68 14.77 17.03
C PRO B 89 1.81 13.42 17.72
N GLN B 90 1.45 12.33 17.00
CA GLN B 90 1.51 10.96 17.49
C GLN B 90 2.89 10.37 17.24
N VAL B 91 3.61 10.00 18.32
CA VAL B 91 4.96 9.44 18.25
C VAL B 91 4.94 7.98 18.71
N TYR B 92 5.47 7.08 17.86
CA TYR B 92 5.52 5.65 18.11
C TYR B 92 6.96 5.17 18.27
N LYS B 93 7.28 4.61 19.45
CA LYS B 93 8.61 4.12 19.83
C LYS B 93 8.94 2.77 19.19
N TRP B 94 10.19 2.62 18.71
CA TRP B 94 10.70 1.39 18.11
C TRP B 94 11.55 0.64 19.14
N ASP B 95 11.16 -0.61 19.46
CA ASP B 95 11.86 -1.46 20.40
C ASP B 95 12.60 -2.57 19.64
N PRO B 96 13.94 -2.72 19.84
CA PRO B 96 14.66 -3.77 19.10
C PRO B 96 14.35 -5.19 19.57
N GLU B 97 13.96 -5.34 20.85
CA GLU B 97 13.63 -6.63 21.46
C GLU B 97 12.12 -6.76 21.76
N PHE B 98 11.27 -6.27 20.83
CA PHE B 98 9.80 -6.32 20.90
C PHE B 98 9.16 -6.05 19.54
N THR C 1 -1.23 -1.71 -18.71
CA THR C 1 -1.56 -0.70 -19.73
C THR C 1 -2.79 0.13 -19.36
N ALA C 2 -2.67 1.46 -19.53
CA ALA C 2 -3.75 2.41 -19.27
C ALA C 2 -4.30 2.93 -20.61
N GLY C 3 -5.62 3.10 -20.68
CA GLY C 3 -6.32 3.54 -21.87
C GLY C 3 -6.19 5.02 -22.19
N GLN C 4 -7.24 5.60 -22.81
CA GLN C 4 -7.28 7.01 -23.20
C GLN C 4 -7.41 7.91 -21.97
N SER C 5 -6.87 9.14 -22.07
CA SER C 5 -6.90 10.15 -21.00
C SER C 5 -8.32 10.70 -20.78
N ASN C 6 -9.20 10.54 -21.77
CA ASN C 6 -10.60 10.99 -21.78
C ASN C 6 -11.48 10.29 -20.74
N TYR C 7 -11.12 9.05 -20.35
CA TYR C 7 -11.88 8.26 -19.36
C TYR C 7 -11.72 8.77 -17.92
N ASP C 8 -10.76 9.69 -17.69
CA ASP C 8 -10.51 10.29 -16.38
C ASP C 8 -11.18 11.66 -16.22
N ARG C 9 -11.76 12.20 -17.32
CA ARG C 9 -12.45 13.49 -17.35
C ARG C 9 -13.75 13.47 -16.55
N LEU C 10 -13.96 14.50 -15.72
CA LEU C 10 -15.15 14.66 -14.88
C LEU C 10 -15.95 15.90 -15.26
C1 EDO D . 20.75 -2.24 4.76
O1 EDO D . 21.99 -2.89 4.96
C2 EDO D . 20.79 -1.51 3.41
O2 EDO D . 19.52 -0.95 3.12
#